data_9HSY
#
_entry.id   9HSY
#
_cell.length_a   50.432
_cell.length_b   70.809
_cell.length_c   119.252
_cell.angle_alpha   90.000
_cell.angle_beta   90.000
_cell.angle_gamma   90.000
#
_symmetry.space_group_name_H-M   'I 2 2 2'
#
loop_
_entity.id
_entity.type
_entity.pdbx_description
1 polymer 'choline-phosphate cytidylyltransferase'
2 non-polymer 4-bromo-1H-pyrazole
3 water water
#
_entity_poly.entity_id   1
_entity_poly.type   'polypeptide(L)'
_entity_poly.pdbx_seq_one_letter_code
;GHMAVPDDDDDDDNSNDESEYESSQMDSEKNKGSIKNSKNVVIYADGVYDMLHLGHMKQLEQAKKLFENTTLIVGVTSDN
ETKLFKGQVVQTLEERTETLKHIRWVDEIISPCPWVVTPEFLEKYKIDYVAHDDIPYANNQKEDIYAWLKRAGKFKATQR
TEGVSTTDLIVRILKNYED
;
_entity_poly.pdbx_strand_id   A
#
loop_
_chem_comp.id
_chem_comp.type
_chem_comp.name
_chem_comp.formula
BYZ non-polymer 4-bromo-1H-pyrazole 'C3 H3 Br N2'
#
# COMPACT_ATOMS: atom_id res chain seq x y z
N LYS A 39 -2.79 -8.53 -21.95
CA LYS A 39 -1.46 -8.75 -21.42
C LYS A 39 -1.22 -7.96 -20.14
N ASN A 40 -1.59 -6.67 -20.14
CA ASN A 40 -1.32 -5.84 -18.98
C ASN A 40 -2.36 -6.03 -17.88
N VAL A 41 -1.87 -6.28 -16.66
CA VAL A 41 -2.71 -6.60 -15.51
C VAL A 41 -2.70 -5.40 -14.56
N VAL A 42 -3.88 -4.93 -14.17
CA VAL A 42 -3.96 -3.82 -13.22
C VAL A 42 -3.98 -4.35 -11.80
N ILE A 43 -3.06 -3.84 -10.98
CA ILE A 43 -2.86 -4.28 -9.60
C ILE A 43 -3.13 -3.09 -8.71
N TYR A 44 -3.92 -3.29 -7.66
CA TYR A 44 -4.26 -2.24 -6.70
C TYR A 44 -3.72 -2.61 -5.33
N ALA A 45 -2.94 -1.72 -4.75
CA ALA A 45 -2.30 -1.89 -3.44
C ALA A 45 -2.63 -0.67 -2.60
N ASP A 46 -3.50 -0.82 -1.62
CA ASP A 46 -3.83 0.33 -0.78
C ASP A 46 -3.20 0.17 0.60
N GLY A 47 -3.07 1.30 1.29
CA GLY A 47 -2.43 1.33 2.59
C GLY A 47 -2.29 2.75 3.08
N VAL A 48 -1.81 2.87 4.32
CA VAL A 48 -1.55 4.18 4.90
C VAL A 48 -0.26 4.76 4.34
N TYR A 49 0.80 3.95 4.28
CA TYR A 49 2.11 4.39 3.79
C TYR A 49 2.65 5.56 4.60
N ASP A 50 2.43 5.51 5.92
CA ASP A 50 2.98 6.50 6.82
C ASP A 50 4.47 6.24 7.01
N MET A 51 5.26 7.31 7.04
CA MET A 51 6.72 7.21 7.16
C MET A 51 7.27 6.04 6.36
N LEU A 52 7.19 6.14 5.04
CA LEU A 52 7.49 5.01 4.16
C LEU A 52 8.88 4.44 4.43
N HIS A 53 8.98 3.11 4.48
CA HIS A 53 10.27 2.50 4.73
C HIS A 53 10.50 1.30 3.81
N LEU A 54 11.68 0.70 3.95
CA LEU A 54 12.08 -0.41 3.08
C LEU A 54 11.03 -1.51 3.06
N GLY A 55 10.37 -1.77 4.18
CA GLY A 55 9.31 -2.77 4.18
C GLY A 55 8.18 -2.45 3.22
N HIS A 56 7.71 -1.20 3.22
CA HIS A 56 6.69 -0.82 2.24
C HIS A 56 7.20 -1.01 0.83
N MET A 57 8.45 -0.62 0.59
CA MET A 57 8.96 -0.61 -0.77
C MET A 57 9.08 -2.03 -1.33
N LYS A 58 9.52 -2.98 -0.51
CA LYS A 58 9.54 -4.38 -0.95
C LYS A 58 8.14 -4.88 -1.26
N GLN A 59 7.17 -4.49 -0.44
CA GLN A 59 5.80 -4.93 -0.69
C GLN A 59 5.30 -4.42 -2.02
N LEU A 60 5.56 -3.13 -2.31
CA LEU A 60 5.17 -2.55 -3.58
C LEU A 60 5.90 -3.22 -4.74
N GLU A 61 7.20 -3.47 -4.58
CA GLU A 61 7.94 -4.23 -5.57
C GLU A 61 7.23 -5.54 -5.88
N GLN A 62 6.84 -6.26 -4.82
CA GLN A 62 6.22 -7.58 -5.00
C GLN A 62 4.89 -7.46 -5.72
N ALA A 63 4.05 -6.52 -5.32
CA ALA A 63 2.81 -6.25 -6.07
C ALA A 63 3.11 -5.96 -7.54
N LYS A 64 4.07 -5.06 -7.79
CA LYS A 64 4.40 -4.71 -9.17
C LYS A 64 4.77 -5.93 -9.99
N LYS A 65 5.50 -6.88 -9.41
CA LYS A 65 6.01 -8.02 -10.15
C LYS A 65 5.12 -9.25 -10.02
N LEU A 66 3.86 -9.08 -9.61
CA LEU A 66 2.97 -10.23 -9.56
C LEU A 66 2.79 -10.84 -10.92
N PHE A 67 2.86 -10.03 -11.98
CA PHE A 67 2.72 -10.53 -13.34
C PHE A 67 3.74 -9.83 -14.21
N GLU A 68 3.92 -10.37 -15.42
CA GLU A 68 4.97 -9.89 -16.30
C GLU A 68 4.77 -8.43 -16.69
N ASN A 69 3.53 -8.06 -17.06
CA ASN A 69 3.18 -6.70 -17.45
C ASN A 69 2.08 -6.22 -16.53
N THR A 70 2.40 -5.24 -15.69
CA THR A 70 1.45 -4.72 -14.71
C THR A 70 1.36 -3.19 -14.80
N THR A 71 0.21 -2.68 -14.41
CA THR A 71 0.07 -1.30 -13.90
C THR A 71 -0.24 -1.42 -12.41
N LEU A 72 0.65 -0.92 -11.57
CA LEU A 72 0.41 -0.90 -10.13
C LEU A 72 -0.24 0.43 -9.73
N ILE A 73 -1.44 0.36 -9.17
CA ILE A 73 -2.11 1.52 -8.60
C ILE A 73 -1.97 1.46 -7.09
N VAL A 74 -1.51 2.56 -6.49
CA VAL A 74 -1.39 2.65 -5.05
C VAL A 74 -2.50 3.58 -4.55
N GLY A 75 -3.23 3.13 -3.55
CA GLY A 75 -4.24 3.94 -2.88
C GLY A 75 -3.72 4.37 -1.52
N VAL A 76 -3.89 5.66 -1.21
CA VAL A 76 -3.42 6.24 0.05
C VAL A 76 -4.63 6.68 0.87
N THR A 77 -4.77 6.08 2.05
CA THR A 77 -5.95 6.34 2.88
C THR A 77 -5.93 7.79 3.38
N SER A 78 -7.13 8.31 3.64
CA SER A 78 -7.26 9.68 4.12
C SER A 78 -6.83 9.79 5.58
N ASP A 79 -6.42 11.01 5.97
CA ASP A 79 -6.04 11.25 7.36
C ASP A 79 -7.18 10.87 8.29
N ASN A 80 -8.37 11.41 8.02
CA ASN A 80 -9.48 11.26 8.95
C ASN A 80 -9.84 9.78 9.13
N GLU A 81 -10.00 9.06 8.03
CA GLU A 81 -10.38 7.66 8.14
C GLU A 81 -9.29 6.84 8.80
N THR A 82 -8.03 7.09 8.46
CA THR A 82 -6.95 6.37 9.13
C THR A 82 -7.00 6.55 10.63
N LYS A 83 -7.16 7.79 11.09
CA LYS A 83 -7.29 8.03 12.53
C LYS A 83 -8.49 7.28 13.10
N LEU A 84 -9.60 7.27 12.37
CA LEU A 84 -10.83 6.68 12.89
C LEU A 84 -10.71 5.19 13.12
N PHE A 85 -9.96 4.48 12.28
CA PHE A 85 -9.87 3.02 12.33
C PHE A 85 -8.50 2.49 12.73
N LYS A 86 -7.42 3.14 12.28
CA LYS A 86 -6.07 2.65 12.56
C LYS A 86 -5.50 3.25 13.84
N GLY A 87 -5.66 4.56 14.03
CA GLY A 87 -5.05 5.30 15.10
C GLY A 87 -4.26 6.47 14.55
N GLN A 88 -3.43 7.06 15.42
CA GLN A 88 -2.70 8.26 15.03
C GLN A 88 -1.81 8.01 13.82
N VAL A 89 -1.94 8.88 12.79
CA VAL A 89 -1.03 8.93 11.66
C VAL A 89 -0.08 10.10 11.86
N VAL A 90 1.15 9.94 11.37
CA VAL A 90 2.21 10.91 11.62
C VAL A 90 2.35 11.90 10.48
N GLN A 91 2.43 11.42 9.25
CA GLN A 91 2.49 12.28 8.08
C GLN A 91 1.09 12.57 7.56
N THR A 92 0.92 13.75 6.95
CA THR A 92 -0.37 14.07 6.36
C THR A 92 -0.60 13.27 5.07
N LEU A 93 -1.83 13.30 4.58
CA LEU A 93 -2.13 12.65 3.30
C LEU A 93 -1.20 13.17 2.23
N GLU A 94 -0.99 14.50 2.19
CA GLU A 94 -0.13 15.10 1.17
C GLU A 94 1.30 14.60 1.28
N GLU A 95 1.83 14.49 2.51
CA GLU A 95 3.19 14.02 2.71
C GLU A 95 3.35 12.55 2.37
N ARG A 96 2.36 11.72 2.71
CA ARG A 96 2.48 10.30 2.38
C ARG A 96 2.36 10.08 0.88
N THR A 97 1.52 10.86 0.21
CA THR A 97 1.37 10.75 -1.23
C THR A 97 2.64 11.21 -1.96
N GLU A 98 3.26 12.27 -1.47
CA GLU A 98 4.45 12.81 -2.09
C GLU A 98 5.56 11.76 -2.18
N THR A 99 5.93 11.17 -1.04
CA THR A 99 7.01 10.19 -1.03
C THR A 99 6.76 9.09 -2.06
N LEU A 100 5.52 8.62 -2.16
CA LEU A 100 5.23 7.51 -3.07
C LEU A 100 5.50 7.86 -4.52
N LYS A 101 5.39 9.14 -4.87
CA LYS A 101 5.72 9.53 -6.24
C LYS A 101 7.17 9.22 -6.60
N HIS A 102 8.04 9.01 -5.63
CA HIS A 102 9.45 8.75 -5.94
C HIS A 102 9.79 7.27 -5.98
N ILE A 103 8.83 6.38 -5.79
CA ILE A 103 9.10 4.96 -5.65
C ILE A 103 8.95 4.31 -7.02
N ARG A 104 9.98 3.54 -7.42
CA ARG A 104 10.12 3.02 -8.78
C ARG A 104 8.90 2.22 -9.20
N TRP A 105 8.31 1.47 -8.28
CA TRP A 105 7.31 0.47 -8.64
C TRP A 105 5.92 1.07 -8.85
N VAL A 106 5.72 2.32 -8.48
CA VAL A 106 4.39 2.92 -8.44
C VAL A 106 4.09 3.54 -9.80
N ASP A 107 3.02 3.11 -10.44
CA ASP A 107 2.63 3.63 -11.75
C ASP A 107 1.56 4.69 -11.65
N GLU A 108 0.55 4.51 -10.81
CA GLU A 108 -0.48 5.50 -10.60
C GLU A 108 -0.81 5.55 -9.12
N ILE A 109 -1.37 6.68 -8.69
CA ILE A 109 -1.76 6.89 -7.31
C ILE A 109 -3.21 7.33 -7.29
N ILE A 110 -4.01 6.72 -6.41
CA ILE A 110 -5.32 7.24 -6.06
C ILE A 110 -5.20 7.80 -4.66
N SER A 111 -5.39 9.12 -4.52
CA SER A 111 -5.16 9.79 -3.24
C SER A 111 -6.11 10.96 -3.04
N PRO A 112 -7.00 10.90 -2.04
CA PRO A 112 -7.10 9.78 -1.11
C PRO A 112 -7.87 8.61 -1.73
N CYS A 113 -7.74 7.42 -1.15
CA CYS A 113 -8.47 6.27 -1.65
C CYS A 113 -9.53 5.86 -0.64
N PRO A 114 -10.55 5.11 -1.08
CA PRO A 114 -11.54 4.61 -0.13
C PRO A 114 -10.87 3.74 0.92
N TRP A 115 -11.46 3.73 2.13
CA TRP A 115 -10.88 2.95 3.22
C TRP A 115 -11.09 1.45 3.01
N VAL A 116 -12.28 1.03 2.57
CA VAL A 116 -12.57 -0.37 2.22
C VAL A 116 -12.78 -0.47 0.71
N VAL A 117 -12.14 -1.47 0.10
CA VAL A 117 -12.35 -1.75 -1.32
C VAL A 117 -13.77 -2.26 -1.56
N THR A 118 -14.38 -1.85 -2.67
CA THR A 118 -15.70 -2.34 -3.04
C THR A 118 -15.67 -2.97 -4.42
N PRO A 119 -16.59 -3.88 -4.72
CA PRO A 119 -16.67 -4.41 -6.10
C PRO A 119 -16.85 -3.30 -7.13
N GLU A 120 -17.57 -2.23 -6.79
CA GLU A 120 -17.76 -1.15 -7.74
C GLU A 120 -16.48 -0.36 -7.96
N PHE A 121 -15.70 -0.15 -6.90
CA PHE A 121 -14.41 0.53 -7.03
C PHE A 121 -13.52 -0.20 -8.02
N LEU A 122 -13.55 -1.55 -8.00
CA LEU A 122 -12.69 -2.33 -8.88
C LEU A 122 -13.09 -2.19 -10.34
N GLU A 123 -14.39 -2.27 -10.63
CA GLU A 123 -14.83 -2.04 -12.00
C GLU A 123 -14.49 -0.62 -12.44
N LYS A 124 -14.61 0.36 -11.54
CA LYS A 124 -14.38 1.75 -11.90
C LYS A 124 -12.98 1.93 -12.48
N TYR A 125 -11.98 1.40 -11.80
CA TYR A 125 -10.59 1.57 -12.17
C TYR A 125 -10.03 0.36 -12.94
N LYS A 126 -10.89 -0.53 -13.42
CA LYS A 126 -10.48 -1.72 -14.20
C LYS A 126 -9.40 -2.51 -13.48
N ILE A 127 -9.59 -2.70 -12.18
CA ILE A 127 -8.57 -3.37 -11.36
C ILE A 127 -8.75 -4.88 -11.43
N ASP A 128 -7.68 -5.61 -11.74
CA ASP A 128 -7.77 -7.05 -11.85
C ASP A 128 -7.44 -7.78 -10.55
N TYR A 129 -6.48 -7.28 -9.77
CA TYR A 129 -6.12 -7.93 -8.52
C TYR A 129 -5.83 -6.87 -7.48
N VAL A 130 -6.24 -7.15 -6.24
CA VAL A 130 -5.91 -6.32 -5.09
C VAL A 130 -4.74 -6.96 -4.37
N ALA A 131 -3.65 -6.21 -4.20
CA ALA A 131 -2.41 -6.73 -3.63
C ALA A 131 -2.25 -6.17 -2.22
N HIS A 132 -2.45 -7.03 -1.22
CA HIS A 132 -2.42 -6.60 0.17
C HIS A 132 -1.86 -7.73 1.02
N ASP A 133 -1.41 -7.37 2.22
CA ASP A 133 -0.96 -8.37 3.18
C ASP A 133 -2.16 -9.08 3.80
N ASP A 134 -1.93 -10.31 4.27
CA ASP A 134 -2.99 -11.16 4.79
C ASP A 134 -3.23 -10.96 6.28
N ILE A 135 -2.67 -9.92 6.90
CA ILE A 135 -2.79 -9.73 8.35
C ILE A 135 -4.22 -9.40 8.73
N TYR A 146 -12.11 -9.10 2.08
CA TYR A 146 -10.93 -9.92 1.79
C TYR A 146 -11.30 -11.38 1.47
N ALA A 147 -12.20 -11.95 2.26
CA ALA A 147 -12.77 -13.24 1.86
C ALA A 147 -13.42 -13.12 0.49
N TRP A 148 -14.12 -12.02 0.24
CA TRP A 148 -14.83 -11.90 -1.03
C TRP A 148 -13.86 -11.74 -2.18
N LEU A 149 -12.73 -11.08 -1.95
CA LEU A 149 -11.70 -10.99 -3.00
C LEU A 149 -11.12 -12.36 -3.32
N LYS A 150 -10.78 -13.13 -2.29
CA LYS A 150 -10.27 -14.47 -2.54
C LYS A 150 -11.31 -15.30 -3.31
N ARG A 151 -12.56 -15.21 -2.89
CA ARG A 151 -13.62 -16.00 -3.53
C ARG A 151 -13.73 -15.69 -5.02
N ALA A 152 -13.46 -14.46 -5.41
CA ALA A 152 -13.59 -14.03 -6.79
C ALA A 152 -12.31 -14.19 -7.60
N GLY A 153 -11.26 -14.75 -7.00
CA GLY A 153 -9.97 -14.87 -7.67
C GLY A 153 -9.17 -13.59 -7.77
N LYS A 154 -9.48 -12.57 -6.99
CA LYS A 154 -8.88 -11.25 -7.18
C LYS A 154 -7.92 -10.86 -6.05
N PHE A 155 -7.55 -11.77 -5.17
CA PHE A 155 -6.65 -11.45 -4.07
C PHE A 155 -5.26 -12.01 -4.30
N LYS A 156 -4.24 -11.17 -4.15
CA LYS A 156 -2.84 -11.57 -4.25
C LYS A 156 -2.13 -11.15 -2.96
N ALA A 157 -1.67 -12.12 -2.17
CA ALA A 157 -1.02 -11.77 -0.91
C ALA A 157 0.38 -11.23 -1.17
N THR A 158 0.76 -10.23 -0.39
CA THR A 158 2.12 -9.69 -0.41
C THR A 158 2.66 -9.67 1.02
N GLN A 159 3.95 -9.92 1.15
CA GLN A 159 4.56 -10.20 2.43
C GLN A 159 5.25 -8.96 3.01
N ARG A 160 5.46 -9.01 4.32
CA ARG A 160 6.06 -7.92 5.07
C ARG A 160 7.49 -8.29 5.47
N THR A 161 8.27 -7.26 5.76
CA THR A 161 9.65 -7.38 6.23
C THR A 161 9.73 -6.69 7.58
N GLU A 162 10.20 -7.41 8.60
CA GLU A 162 10.30 -6.81 9.92
C GLU A 162 11.69 -6.19 10.14
N GLY A 163 11.80 -5.36 11.19
CA GLY A 163 13.06 -4.76 11.55
C GLY A 163 13.52 -3.63 10.64
N VAL A 164 12.66 -3.17 9.74
CA VAL A 164 13.02 -2.23 8.69
C VAL A 164 12.39 -0.87 8.93
N SER A 165 11.67 -0.69 10.04
CA SER A 165 10.83 0.48 10.26
C SER A 165 11.64 1.69 10.69
N THR A 166 11.22 2.86 10.20
CA THR A 166 11.71 4.15 10.68
C THR A 166 11.74 4.16 12.20
N THR A 167 10.70 3.57 12.81
CA THR A 167 10.70 3.35 14.26
C THR A 167 11.90 2.53 14.72
N ASP A 168 12.31 1.54 13.91
CA ASP A 168 13.39 0.66 14.33
C ASP A 168 14.73 1.38 14.31
N LEU A 169 14.88 2.39 13.43
CA LEU A 169 16.18 3.02 13.27
C LEU A 169 16.53 3.90 14.46
N ILE A 170 15.55 4.64 14.98
CA ILE A 170 15.83 5.53 16.12
C ILE A 170 16.26 4.72 17.33
N VAL A 171 15.59 3.58 17.59
CA VAL A 171 16.04 2.67 18.64
C VAL A 171 17.53 2.38 18.47
N ARG A 172 17.98 2.17 17.24
CA ARG A 172 19.40 1.96 17.01
C ARG A 172 20.20 3.20 17.37
N ILE A 173 19.73 4.39 16.96
CA ILE A 173 20.45 5.62 17.24
C ILE A 173 20.60 5.82 18.74
N LEU A 174 19.50 5.60 19.48
CA LEU A 174 19.52 5.85 20.92
C LEU A 174 20.41 4.85 21.64
N LYS A 175 20.46 3.60 21.16
CA LYS A 175 21.24 2.55 21.80
C LYS A 175 22.72 2.91 21.88
N ASN A 176 23.07 4.14 21.50
CA ASN A 176 24.41 4.69 21.65
C ASN A 176 24.58 5.46 22.97
N TYR A 177 23.54 5.51 23.80
CA TYR A 177 23.59 6.21 25.08
C TYR A 177 22.87 5.40 26.17
BR4 BYZ B . 6.06 -3.73 6.02
C4 BYZ B . 4.49 -2.71 6.37
C5 BYZ B . 4.44 -1.47 7.02
N1 BYZ B . 3.09 -1.12 7.05
N2 BYZ B . 2.32 -2.08 6.45
C3 BYZ B . 3.14 -3.07 6.03
H1 BYZ B . 5.21 -0.86 7.44
H2 BYZ B . 2.70 -0.29 7.44
H3 BYZ B . 2.81 -3.95 5.52
#